data_3G4Q
#
_entry.id   3G4Q
#
_cell.length_a   93.180
_cell.length_b   43.890
_cell.length_c   83.490
_cell.angle_alpha   90.00
_cell.angle_beta   121.93
_cell.angle_gamma   90.00
#
_symmetry.space_group_name_H-M   'C 1 2 1'
#
loop_
_entity.id
_entity.type
_entity.pdbx_description
1 polymer Globin-1
2 non-polymer 'PROTOPORPHYRIN IX CONTAINING FE'
3 non-polymer 'CARBON MONOXIDE'
4 non-polymer trichloromethane
5 water water
#
_entity_poly.entity_id   1
_entity_poly.type   'polypeptide(L)'
_entity_poly.pdbx_seq_one_letter_code
;PSVYDAAAQLTADVKKDLRDSWKVIGSDKKGNGVALMTTLFADNQETIGYFKRLGDVSQGMANDKLRGHSITLMYALQNF
IDQLDNPDDLVCVVEKFAVNHITRKISAAEFGKINGPIKKVLASKNFGDKYANAWAKLVAVVQAAL
;
_entity_poly.pdbx_strand_id   A,B
#
loop_
_chem_comp.id
_chem_comp.type
_chem_comp.name
_chem_comp.formula
CMO non-polymer 'CARBON MONOXIDE' 'C O'
HEM non-polymer 'PROTOPORPHYRIN IX CONTAINING FE' 'C34 H32 Fe N4 O4'
MCH non-polymer trichloromethane 'C H Cl3'
#
# COMPACT_ATOMS: atom_id res chain seq x y z
N SER A 2 -1.51 21.53 -11.35
CA SER A 2 -1.21 21.61 -9.89
C SER A 2 -1.98 20.53 -9.13
N VAL A 3 -1.24 19.69 -8.39
CA VAL A 3 -1.87 18.64 -7.61
C VAL A 3 -2.80 19.24 -6.56
N TYR A 4 -2.47 20.42 -6.06
CA TYR A 4 -3.30 21.08 -5.06
C TYR A 4 -4.61 21.58 -5.65
N ASP A 5 -4.57 22.07 -6.89
CA ASP A 5 -5.79 22.54 -7.52
C ASP A 5 -6.65 21.33 -7.88
N ALA A 6 -6.01 20.23 -8.25
CA ALA A 6 -6.73 19.02 -8.61
C ALA A 6 -7.42 18.45 -7.37
N ALA A 7 -6.72 18.46 -6.24
CA ALA A 7 -7.27 17.95 -4.99
C ALA A 7 -8.49 18.77 -4.56
N ALA A 8 -8.50 20.05 -4.92
CA ALA A 8 -9.61 20.93 -4.56
C ALA A 8 -10.87 20.60 -5.34
N GLN A 9 -10.73 19.79 -6.39
CA GLN A 9 -11.85 19.38 -7.24
C GLN A 9 -12.66 18.30 -6.54
N LEU A 10 -12.13 17.75 -5.45
CA LEU A 10 -12.85 16.71 -4.73
C LEU A 10 -13.83 17.35 -3.76
N THR A 11 -14.99 17.72 -4.29
CA THR A 11 -16.03 18.35 -3.50
C THR A 11 -16.76 17.34 -2.63
N ALA A 12 -17.66 17.84 -1.79
CA ALA A 12 -18.43 16.98 -0.89
C ALA A 12 -19.15 15.87 -1.64
N ASP A 13 -19.79 16.21 -2.75
CA ASP A 13 -20.52 15.23 -3.54
C ASP A 13 -19.61 14.16 -4.14
N VAL A 14 -18.44 14.60 -4.63
CA VAL A 14 -17.48 13.67 -5.22
C VAL A 14 -16.93 12.73 -4.15
N LYS A 15 -16.59 13.27 -2.99
CA LYS A 15 -16.06 12.43 -1.92
C LYS A 15 -17.08 11.40 -1.48
N LYS A 16 -18.36 11.79 -1.44
CA LYS A 16 -19.41 10.87 -1.04
C LYS A 16 -19.54 9.74 -2.04
N ASP A 17 -19.52 10.06 -3.33
CA ASP A 17 -19.63 9.02 -4.35
C ASP A 17 -18.44 8.08 -4.33
N LEU A 18 -17.26 8.61 -4.01
CA LEU A 18 -16.07 7.77 -3.94
C LEU A 18 -16.20 6.80 -2.76
N ARG A 19 -16.62 7.32 -1.60
CA ARG A 19 -16.77 6.46 -0.42
C ARG A 19 -17.85 5.42 -0.59
N ASP A 20 -19.00 5.81 -1.13
CA ASP A 20 -20.11 4.90 -1.31
C ASP A 20 -19.78 3.75 -2.26
N SER A 21 -19.11 4.05 -3.36
CA SER A 21 -18.76 3.00 -4.31
C SER A 21 -17.60 2.15 -3.76
N TRP A 22 -16.69 2.78 -3.03
CA TRP A 22 -15.56 2.03 -2.48
C TRP A 22 -16.01 0.99 -1.45
N LYS A 23 -17.07 1.29 -0.70
CA LYS A 23 -17.56 0.34 0.28
C LYS A 23 -17.83 -1.00 -0.40
N VAL A 24 -18.33 -0.95 -1.63
CA VAL A 24 -18.64 -2.18 -2.37
C VAL A 24 -17.41 -2.75 -3.09
N ILE A 25 -16.75 -1.92 -3.90
CA ILE A 25 -15.58 -2.38 -4.65
C ILE A 25 -14.43 -2.81 -3.75
N GLY A 26 -14.18 -2.07 -2.68
CA GLY A 26 -13.09 -2.40 -1.78
C GLY A 26 -13.31 -3.62 -0.90
N SER A 27 -14.53 -4.18 -0.93
CA SER A 27 -14.84 -5.37 -0.13
C SER A 27 -14.20 -6.63 -0.69
N ASP A 28 -13.78 -6.58 -1.95
CA ASP A 28 -13.13 -7.71 -2.59
C ASP A 28 -11.92 -7.18 -3.36
N LYS A 29 -10.86 -6.87 -2.62
CA LYS A 29 -9.66 -6.33 -3.22
C LYS A 29 -8.98 -7.26 -4.20
N LYS A 30 -8.91 -8.54 -3.86
CA LYS A 30 -8.26 -9.51 -4.74
C LYS A 30 -9.04 -9.67 -6.05
N GLY A 31 -10.35 -9.91 -5.94
CA GLY A 31 -11.17 -10.10 -7.11
C GLY A 31 -11.26 -8.88 -8.03
N ASN A 32 -11.58 -7.72 -7.45
CA ASN A 32 -11.71 -6.52 -8.25
C ASN A 32 -10.36 -5.93 -8.68
N GLY A 33 -9.32 -6.18 -7.90
CA GLY A 33 -8.00 -5.67 -8.25
C GLY A 33 -7.50 -6.39 -9.49
N VAL A 34 -7.66 -7.71 -9.52
CA VAL A 34 -7.21 -8.48 -10.67
C VAL A 34 -8.09 -8.15 -11.87
N ALA A 35 -9.39 -7.96 -11.63
CA ALA A 35 -10.31 -7.62 -12.71
C ALA A 35 -9.90 -6.30 -13.35
N LEU A 36 -9.48 -5.35 -12.53
CA LEU A 36 -9.05 -4.05 -13.03
C LEU A 36 -7.82 -4.20 -13.92
N MET A 37 -6.84 -4.97 -13.46
CA MET A 37 -5.61 -5.17 -14.22
C MET A 37 -5.83 -5.94 -15.52
N THR A 38 -6.58 -7.04 -15.45
CA THR A 38 -6.83 -7.83 -16.64
C THR A 38 -7.59 -7.03 -17.69
N THR A 39 -8.45 -6.12 -17.23
CA THR A 39 -9.21 -5.29 -18.15
C THR A 39 -8.25 -4.30 -18.82
N LEU A 40 -7.33 -3.73 -18.03
CA LEU A 40 -6.36 -2.79 -18.57
C LEU A 40 -5.55 -3.46 -19.67
N PHE A 41 -5.09 -4.68 -19.42
CA PHE A 41 -4.28 -5.41 -20.39
C PHE A 41 -5.05 -5.82 -21.63
N ALA A 42 -6.33 -6.12 -21.46
CA ALA A 42 -7.16 -6.53 -22.59
C ALA A 42 -7.54 -5.36 -23.50
N ASP A 43 -7.88 -4.23 -22.88
CA ASP A 43 -8.29 -3.02 -23.62
C ASP A 43 -7.14 -2.17 -24.13
N ASN A 44 -6.01 -2.19 -23.43
CA ASN A 44 -4.84 -1.42 -23.84
C ASN A 44 -3.61 -2.31 -23.87
N GLN A 45 -3.56 -3.21 -24.83
CA GLN A 45 -2.44 -4.14 -24.98
C GLN A 45 -1.07 -3.47 -25.02
N GLU A 46 -1.03 -2.22 -25.46
CA GLU A 46 0.25 -1.51 -25.57
C GLU A 46 0.89 -1.15 -24.23
N THR A 47 0.20 -1.43 -23.13
CA THR A 47 0.74 -1.12 -21.81
C THR A 47 1.37 -2.36 -21.16
N ILE A 48 1.10 -3.55 -21.71
CA ILE A 48 1.63 -4.78 -21.13
C ILE A 48 3.16 -4.78 -20.99
N GLY A 49 3.85 -4.15 -21.93
CA GLY A 49 5.30 -4.09 -21.87
C GLY A 49 5.86 -3.54 -20.57
N TYR A 50 5.18 -2.56 -19.99
CA TYR A 50 5.63 -1.94 -18.74
C TYR A 50 5.63 -2.91 -17.57
N PHE A 51 4.81 -3.96 -17.68
CA PHE A 51 4.67 -4.93 -16.61
C PHE A 51 5.47 -6.22 -16.75
N LYS A 52 6.61 -6.15 -17.42
CA LYS A 52 7.44 -7.34 -17.63
C LYS A 52 7.77 -8.14 -16.37
N ARG A 53 7.94 -7.46 -15.23
CA ARG A 53 8.28 -8.13 -13.99
C ARG A 53 7.22 -9.15 -13.54
N LEU A 54 5.97 -8.89 -13.89
CA LEU A 54 4.88 -9.77 -13.48
C LEU A 54 4.77 -11.06 -14.27
N GLY A 55 5.54 -11.17 -15.36
CA GLY A 55 5.49 -12.38 -16.16
C GLY A 55 4.32 -12.42 -17.12
N ASP A 56 3.73 -13.59 -17.30
CA ASP A 56 2.59 -13.76 -18.21
C ASP A 56 1.29 -13.29 -17.56
N VAL A 57 0.94 -12.04 -17.81
CA VAL A 57 -0.27 -11.46 -17.23
C VAL A 57 -1.57 -12.06 -17.73
N SER A 58 -1.51 -12.81 -18.82
CA SER A 58 -2.72 -13.43 -19.37
C SER A 58 -3.23 -14.55 -18.46
N GLN A 59 -2.39 -14.98 -17.50
CA GLN A 59 -2.79 -16.03 -16.58
C GLN A 59 -3.75 -15.51 -15.52
N GLY A 60 -3.84 -14.18 -15.41
CA GLY A 60 -4.74 -13.58 -14.45
C GLY A 60 -4.53 -13.98 -13.00
N MET A 61 -5.60 -14.45 -12.37
CA MET A 61 -5.57 -14.84 -10.96
C MET A 61 -4.53 -15.93 -10.65
N ALA A 62 -4.22 -16.76 -11.65
CA ALA A 62 -3.26 -17.85 -11.47
C ALA A 62 -1.81 -17.38 -11.36
N ASN A 63 -1.56 -16.14 -11.76
CA ASN A 63 -0.21 -15.55 -11.70
C ASN A 63 -0.02 -14.93 -10.31
N ASP A 64 0.84 -15.54 -9.50
CA ASP A 64 1.08 -15.03 -8.14
C ASP A 64 1.59 -13.60 -8.09
N LYS A 65 2.49 -13.24 -9.00
CA LYS A 65 3.02 -11.88 -9.00
C LYS A 65 1.93 -10.87 -9.36
N LEU A 66 1.07 -11.24 -10.31
CA LEU A 66 -0.02 -10.35 -10.69
C LEU A 66 -1.01 -10.21 -9.54
N ARG A 67 -1.26 -11.30 -8.83
CA ARG A 67 -2.21 -11.25 -7.72
C ARG A 67 -1.67 -10.35 -6.60
N GLY A 68 -0.39 -10.51 -6.28
CA GLY A 68 0.22 -9.70 -5.23
C GLY A 68 0.21 -8.23 -5.60
N HIS A 69 0.51 -7.96 -6.87
CA HIS A 69 0.52 -6.59 -7.36
C HIS A 69 -0.88 -6.00 -7.31
N SER A 70 -1.86 -6.76 -7.77
CA SER A 70 -3.25 -6.30 -7.80
C SER A 70 -3.84 -6.02 -6.44
N ILE A 71 -3.57 -6.88 -5.47
CA ILE A 71 -4.07 -6.65 -4.12
C ILE A 71 -3.46 -5.37 -3.57
N THR A 72 -2.15 -5.22 -3.75
CA THR A 72 -1.44 -4.05 -3.25
C THR A 72 -1.97 -2.77 -3.89
N LEU A 73 -2.30 -2.81 -5.16
CA LEU A 73 -2.83 -1.64 -5.84
C LEU A 73 -4.13 -1.18 -5.17
N MET A 74 -4.95 -2.14 -4.73
CA MET A 74 -6.22 -1.80 -4.08
C MET A 74 -5.98 -1.13 -2.74
N TYR A 75 -4.85 -1.41 -2.10
CA TYR A 75 -4.55 -0.76 -0.83
C TYR A 75 -4.05 0.66 -1.06
N ALA A 76 -3.61 0.96 -2.28
CA ALA A 76 -3.18 2.33 -2.58
C ALA A 76 -4.48 3.13 -2.71
N LEU A 77 -5.51 2.54 -3.29
CA LEU A 77 -6.78 3.23 -3.44
C LEU A 77 -7.42 3.39 -2.06
N GLN A 78 -7.27 2.38 -1.19
CA GLN A 78 -7.82 2.46 0.16
C GLN A 78 -7.17 3.64 0.88
N ASN A 79 -5.87 3.77 0.68
CA ASN A 79 -5.06 4.85 1.25
C ASN A 79 -5.66 6.19 0.81
N PHE A 80 -5.84 6.37 -0.49
CA PHE A 80 -6.42 7.62 -1.01
C PHE A 80 -7.76 7.95 -0.38
N ILE A 81 -8.66 6.96 -0.33
CA ILE A 81 -9.99 7.16 0.24
C ILE A 81 -9.88 7.60 1.70
N ASP A 82 -8.99 6.96 2.45
CA ASP A 82 -8.84 7.32 3.86
C ASP A 82 -8.27 8.72 4.08
N GLN A 83 -7.58 9.28 3.07
CA GLN A 83 -7.01 10.62 3.22
C GLN A 83 -7.88 11.73 2.65
N LEU A 84 -9.09 11.42 2.22
CA LEU A 84 -9.96 12.44 1.63
C LEU A 84 -10.27 13.62 2.57
N ASP A 85 -10.30 13.37 3.87
CA ASP A 85 -10.60 14.43 4.84
C ASP A 85 -9.52 15.50 4.91
N ASN A 86 -8.28 15.11 4.73
CA ASN A 86 -7.15 16.03 4.82
C ASN A 86 -6.38 16.15 3.51
N PRO A 87 -6.60 17.25 2.77
CA PRO A 87 -5.91 17.47 1.49
C PRO A 87 -4.38 17.41 1.53
N ASP A 88 -3.78 17.88 2.63
CA ASP A 88 -2.33 17.86 2.74
C ASP A 88 -1.81 16.42 2.81
N ASP A 89 -2.57 15.54 3.46
CA ASP A 89 -2.15 14.15 3.57
C ASP A 89 -2.45 13.41 2.28
N LEU A 90 -3.55 13.76 1.62
CA LEU A 90 -3.87 13.10 0.35
C LEU A 90 -2.77 13.42 -0.65
N VAL A 91 -2.36 14.68 -0.68
CA VAL A 91 -1.32 15.09 -1.60
C VAL A 91 0.01 14.38 -1.36
N CYS A 92 0.43 14.24 -0.11
CA CYS A 92 1.72 13.57 0.11
C CYS A 92 1.72 12.08 -0.23
N VAL A 93 0.57 11.41 -0.12
CA VAL A 93 0.53 9.99 -0.47
C VAL A 93 0.43 9.86 -1.99
N VAL A 94 -0.30 10.78 -2.62
CA VAL A 94 -0.41 10.76 -4.07
C VAL A 94 0.97 11.00 -4.69
N GLU A 95 1.73 11.93 -4.12
CA GLU A 95 3.06 12.18 -4.65
C GLU A 95 3.99 10.99 -4.46
N LYS A 96 3.78 10.22 -3.40
CA LYS A 96 4.60 9.04 -3.15
C LYS A 96 4.35 8.02 -4.26
N PHE A 97 3.09 7.79 -4.59
CA PHE A 97 2.78 6.83 -5.64
C PHE A 97 3.12 7.35 -7.03
N ALA A 98 3.08 8.67 -7.19
CA ALA A 98 3.44 9.27 -8.49
C ALA A 98 4.89 8.94 -8.78
N VAL A 99 5.74 9.01 -7.77
CA VAL A 99 7.15 8.70 -7.94
C VAL A 99 7.36 7.26 -8.42
N ASN A 100 6.55 6.34 -7.88
CA ASN A 100 6.63 4.94 -8.27
C ASN A 100 6.36 4.79 -9.76
N HIS A 101 5.53 5.68 -10.31
CA HIS A 101 5.22 5.61 -11.73
C HIS A 101 6.15 6.45 -12.60
N ILE A 102 6.64 7.56 -12.06
CA ILE A 102 7.55 8.39 -12.83
C ILE A 102 8.82 7.59 -13.13
N THR A 103 9.25 6.78 -12.16
CA THR A 103 10.45 5.97 -12.32
C THR A 103 10.25 4.87 -13.36
N ARG A 104 8.99 4.55 -13.65
CA ARG A 104 8.64 3.54 -14.63
C ARG A 104 8.32 4.19 -15.98
N LYS A 105 8.57 5.49 -16.07
CA LYS A 105 8.33 6.24 -17.30
C LYS A 105 6.87 6.30 -17.73
N ILE A 106 5.96 6.38 -16.76
CA ILE A 106 4.54 6.45 -17.03
C ILE A 106 4.08 7.91 -17.01
N SER A 107 3.56 8.38 -18.14
CA SER A 107 3.09 9.76 -18.26
C SER A 107 1.67 9.92 -17.72
N ALA A 108 1.23 11.16 -17.58
CA ALA A 108 -0.11 11.45 -17.10
C ALA A 108 -1.14 10.87 -18.07
N ALA A 109 -0.85 10.97 -19.36
CA ALA A 109 -1.76 10.46 -20.38
C ALA A 109 -1.90 8.95 -20.30
N GLU A 110 -0.79 8.24 -20.11
CA GLU A 110 -0.89 6.78 -20.04
C GLU A 110 -1.51 6.31 -18.73
N PHE A 111 -1.27 7.05 -17.65
CA PHE A 111 -1.85 6.69 -16.36
C PHE A 111 -3.37 6.78 -16.51
N GLY A 112 -3.81 7.79 -17.27
CA GLY A 112 -5.24 8.01 -17.49
C GLY A 112 -5.95 6.88 -18.21
N LYS A 113 -5.18 5.94 -18.78
CA LYS A 113 -5.79 4.81 -19.49
C LYS A 113 -6.52 3.89 -18.50
N ILE A 114 -6.29 4.11 -17.21
CA ILE A 114 -6.95 3.29 -16.19
C ILE A 114 -8.42 3.67 -16.03
N ASN A 115 -8.81 4.83 -16.55
CA ASN A 115 -10.20 5.28 -16.44
C ASN A 115 -11.19 4.35 -17.16
N GLY A 116 -10.78 3.81 -18.30
CA GLY A 116 -11.65 2.91 -19.04
C GLY A 116 -11.94 1.69 -18.19
N PRO A 117 -10.91 1.00 -17.68
CA PRO A 117 -11.08 -0.18 -16.84
C PRO A 117 -11.90 0.10 -15.58
N ILE A 118 -11.65 1.24 -14.95
CA ILE A 118 -12.40 1.60 -13.75
C ILE A 118 -13.89 1.70 -14.06
N LYS A 119 -14.23 2.33 -15.17
CA LYS A 119 -15.63 2.48 -15.55
C LYS A 119 -16.27 1.11 -15.77
N LYS A 120 -15.54 0.20 -16.40
CA LYS A 120 -16.05 -1.13 -16.66
C LYS A 120 -16.23 -1.96 -15.39
N VAL A 121 -15.27 -1.89 -14.47
CA VAL A 121 -15.39 -2.64 -13.23
C VAL A 121 -16.55 -2.08 -12.42
N LEU A 122 -16.69 -0.75 -12.38
CA LEU A 122 -17.78 -0.14 -11.65
C LEU A 122 -19.12 -0.56 -12.24
N ALA A 123 -19.21 -0.51 -13.57
CA ALA A 123 -20.45 -0.86 -14.26
C ALA A 123 -20.88 -2.29 -13.97
N SER A 124 -19.92 -3.19 -13.82
CA SER A 124 -20.24 -4.59 -13.54
C SER A 124 -20.87 -4.74 -12.16
N LYS A 125 -20.70 -3.74 -11.30
CA LYS A 125 -21.26 -3.76 -9.96
C LYS A 125 -22.44 -2.81 -9.84
N ASN A 126 -22.96 -2.40 -11.00
CA ASN A 126 -24.11 -1.50 -11.08
C ASN A 126 -23.85 -0.06 -10.63
N PHE A 127 -22.63 0.42 -10.87
CA PHE A 127 -22.28 1.80 -10.55
C PHE A 127 -22.01 2.45 -11.91
N GLY A 128 -22.85 3.40 -12.28
CA GLY A 128 -22.74 4.05 -13.57
C GLY A 128 -21.78 5.21 -13.75
N ASP A 129 -21.99 5.94 -14.84
CA ASP A 129 -21.16 7.08 -15.20
C ASP A 129 -20.90 8.07 -14.06
N LYS A 130 -21.92 8.31 -13.23
CA LYS A 130 -21.80 9.22 -12.10
C LYS A 130 -20.58 8.85 -11.26
N TYR A 131 -20.46 7.57 -10.96
CA TYR A 131 -19.34 7.08 -10.14
C TYR A 131 -18.04 7.02 -10.92
N ALA A 132 -18.12 6.70 -12.20
CA ALA A 132 -16.91 6.63 -13.02
C ALA A 132 -16.28 8.01 -13.10
N ASN A 133 -17.11 9.04 -13.20
CA ASN A 133 -16.62 10.41 -13.28
C ASN A 133 -15.99 10.85 -11.97
N ALA A 134 -16.54 10.39 -10.85
CA ALA A 134 -15.99 10.74 -9.54
C ALA A 134 -14.60 10.14 -9.43
N TRP A 135 -14.47 8.87 -9.83
CA TRP A 135 -13.17 8.22 -9.77
C TRP A 135 -12.17 8.86 -10.72
N ALA A 136 -12.65 9.41 -11.83
CA ALA A 136 -11.76 10.06 -12.79
C ALA A 136 -11.17 11.31 -12.16
N LYS A 137 -11.92 11.95 -11.27
CA LYS A 137 -11.41 13.16 -10.61
C LYS A 137 -10.30 12.79 -9.63
N LEU A 138 -10.40 11.61 -9.02
CA LEU A 138 -9.36 11.19 -8.09
C LEU A 138 -8.11 10.82 -8.90
N VAL A 139 -8.32 10.10 -10.00
CA VAL A 139 -7.21 9.72 -10.86
C VAL A 139 -6.51 10.98 -11.38
N ALA A 140 -7.29 12.05 -11.56
CA ALA A 140 -6.74 13.31 -12.06
C ALA A 140 -5.76 13.94 -11.07
N VAL A 141 -5.91 13.62 -9.78
CA VAL A 141 -5.01 14.18 -8.78
C VAL A 141 -3.64 13.52 -8.98
N VAL A 142 -3.64 12.22 -9.28
CA VAL A 142 -2.37 11.54 -9.52
C VAL A 142 -1.76 12.04 -10.83
N GLN A 143 -2.59 12.23 -11.84
CA GLN A 143 -2.08 12.72 -13.12
C GLN A 143 -1.39 14.07 -12.97
N ALA A 144 -1.89 14.92 -12.09
CA ALA A 144 -1.31 16.24 -11.88
C ALA A 144 0.09 16.16 -11.29
N ALA A 145 0.42 15.01 -10.71
CA ALA A 145 1.74 14.83 -10.11
C ALA A 145 2.73 14.07 -10.97
N LEU A 146 2.31 13.67 -12.16
CA LEU A 146 3.20 12.92 -13.05
C LEU A 146 3.94 13.81 -14.04
N SER B 2 10.66 -22.20 3.55
CA SER B 2 10.19 -21.23 2.52
C SER B 2 9.35 -20.13 3.18
N VAL B 3 8.89 -19.19 2.36
CA VAL B 3 8.05 -18.10 2.87
C VAL B 3 6.72 -18.71 3.28
N TYR B 4 6.21 -19.63 2.47
CA TYR B 4 4.95 -20.29 2.75
C TYR B 4 5.03 -21.00 4.09
N ASP B 5 6.18 -21.64 4.37
CA ASP B 5 6.36 -22.34 5.64
C ASP B 5 6.29 -21.37 6.82
N ALA B 6 6.95 -20.23 6.68
CA ALA B 6 6.97 -19.22 7.73
C ALA B 6 5.59 -18.63 7.96
N ALA B 7 4.80 -18.52 6.90
CA ALA B 7 3.46 -17.97 6.98
C ALA B 7 2.48 -18.99 7.56
N ALA B 8 2.50 -20.20 7.02
CA ALA B 8 1.62 -21.27 7.47
C ALA B 8 1.83 -21.61 8.94
N GLN B 9 2.94 -21.14 9.51
CA GLN B 9 3.23 -21.43 10.92
C GLN B 9 2.58 -20.45 11.89
N LEU B 10 2.11 -19.30 11.38
CA LEU B 10 1.45 -18.30 12.22
C LEU B 10 0.18 -18.93 12.81
N THR B 11 0.18 -19.17 14.12
CA THR B 11 -0.94 -19.81 14.79
C THR B 11 -2.13 -18.91 15.10
N ALA B 12 -3.24 -19.53 15.50
CA ALA B 12 -4.45 -18.79 15.83
C ALA B 12 -4.20 -17.76 16.93
N ASP B 13 -3.38 -18.12 17.91
CA ASP B 13 -3.09 -17.20 19.00
C ASP B 13 -2.25 -16.02 18.53
N VAL B 14 -1.27 -16.29 17.68
CA VAL B 14 -0.42 -15.24 17.14
C VAL B 14 -1.26 -14.29 16.29
N LYS B 15 -2.13 -14.84 15.46
CA LYS B 15 -2.97 -14.01 14.61
C LYS B 15 -3.90 -13.14 15.47
N LYS B 16 -4.39 -13.69 16.57
CA LYS B 16 -5.27 -12.95 17.47
C LYS B 16 -4.52 -11.76 18.07
N ASP B 17 -3.28 -12.00 18.51
CA ASP B 17 -2.50 -10.92 19.10
C ASP B 17 -2.16 -9.86 18.05
N LEU B 18 -1.87 -10.29 16.82
CA LEU B 18 -1.56 -9.33 15.77
C LEU B 18 -2.79 -8.47 15.48
N ARG B 19 -3.95 -9.09 15.38
CA ARG B 19 -5.16 -8.35 15.08
C ARG B 19 -5.58 -7.42 16.21
N ASP B 20 -5.46 -7.88 17.45
CA ASP B 20 -5.85 -7.03 18.58
C ASP B 20 -4.98 -5.80 18.70
N SER B 21 -3.67 -5.96 18.50
CA SER B 21 -2.78 -4.82 18.60
C SER B 21 -2.92 -3.90 17.39
N TRP B 22 -3.20 -4.48 16.23
CA TRP B 22 -3.35 -3.66 15.04
C TRP B 22 -4.62 -2.80 15.10
N LYS B 23 -5.66 -3.30 15.77
CA LYS B 23 -6.89 -2.54 15.90
C LYS B 23 -6.57 -1.16 16.47
N VAL B 24 -5.62 -1.14 17.39
CA VAL B 24 -5.22 0.10 18.04
C VAL B 24 -4.15 0.85 17.26
N ILE B 25 -3.01 0.21 17.03
CA ILE B 25 -1.92 0.87 16.30
C ILE B 25 -2.34 1.31 14.89
N GLY B 26 -3.08 0.45 14.21
CA GLY B 26 -3.51 0.77 12.86
C GLY B 26 -4.59 1.83 12.77
N SER B 27 -5.14 2.25 13.92
CA SER B 27 -6.19 3.26 13.92
C SER B 27 -5.64 4.68 13.75
N ASP B 28 -4.33 4.83 13.89
CA ASP B 28 -3.68 6.13 13.69
C ASP B 28 -2.45 5.86 12.85
N LYS B 29 -2.66 5.63 11.56
CA LYS B 29 -1.57 5.32 10.66
C LYS B 29 -0.53 6.43 10.50
N LYS B 30 -0.99 7.68 10.41
CA LYS B 30 -0.06 8.78 10.26
C LYS B 30 0.80 8.95 11.51
N GLY B 31 0.16 9.01 12.67
CA GLY B 31 0.89 9.19 13.91
C GLY B 31 1.83 8.05 14.26
N ASN B 32 1.33 6.82 14.18
CA ASN B 32 2.16 5.67 14.52
C ASN B 32 3.13 5.27 13.42
N GLY B 33 2.83 5.64 12.19
CA GLY B 33 3.73 5.31 11.09
C GLY B 33 4.96 6.20 11.18
N VAL B 34 4.76 7.48 11.47
CA VAL B 34 5.88 8.42 11.58
C VAL B 34 6.68 8.12 12.83
N ALA B 35 6.00 7.68 13.89
CA ALA B 35 6.69 7.35 15.13
C ALA B 35 7.60 6.14 14.89
N LEU B 36 7.11 5.18 14.13
CA LEU B 36 7.91 3.98 13.82
C LEU B 36 9.18 4.37 13.06
N MET B 37 9.03 5.21 12.04
CA MET B 37 10.18 5.63 11.25
C MET B 37 11.16 6.48 12.05
N THR B 38 10.66 7.45 12.81
CA THR B 38 11.54 8.31 13.59
C THR B 38 12.31 7.50 14.64
N THR B 39 11.67 6.47 15.18
CA THR B 39 12.33 5.63 16.18
C THR B 39 13.42 4.80 15.51
N LEU B 40 13.17 4.36 14.28
CA LEU B 40 14.17 3.60 13.55
C LEU B 40 15.41 4.46 13.34
N PHE B 41 15.20 5.71 12.93
CA PHE B 41 16.31 6.62 12.68
C PHE B 41 17.04 7.05 13.94
N ALA B 42 16.34 7.09 15.06
CA ALA B 42 16.96 7.49 16.32
C ALA B 42 17.83 6.40 16.90
N ASP B 43 17.35 5.16 16.84
CA ASP B 43 18.08 4.02 17.39
C ASP B 43 19.03 3.31 16.42
N ASN B 44 18.81 3.50 15.13
CA ASN B 44 19.66 2.89 14.12
C ASN B 44 20.04 3.94 13.10
N GLN B 45 20.88 4.89 13.53
CA GLN B 45 21.31 5.98 12.68
C GLN B 45 21.99 5.54 11.38
N GLU B 46 22.54 4.33 11.36
CA GLU B 46 23.22 3.84 10.17
C GLU B 46 22.27 3.60 9.00
N THR B 47 20.97 3.58 9.27
CA THR B 47 19.97 3.36 8.22
C THR B 47 19.51 4.64 7.54
N ILE B 48 19.83 5.79 8.13
CA ILE B 48 19.40 7.06 7.56
C ILE B 48 19.76 7.23 6.08
N GLY B 49 20.99 6.86 5.72
CA GLY B 49 21.43 7.01 4.34
C GLY B 49 20.57 6.33 3.29
N TYR B 50 19.94 5.21 3.66
CA TYR B 50 19.09 4.48 2.72
C TYR B 50 17.86 5.27 2.30
N PHE B 51 17.46 6.23 3.14
CA PHE B 51 16.27 7.02 2.88
C PHE B 51 16.52 8.42 2.34
N LYS B 52 17.59 8.57 1.58
CA LYS B 52 17.95 9.87 1.03
C LYS B 52 16.85 10.52 0.19
N ARG B 53 15.99 9.72 -0.42
CA ARG B 53 14.90 10.28 -1.23
C ARG B 53 13.92 11.11 -0.41
N LEU B 54 13.79 10.77 0.87
CA LEU B 54 12.86 11.46 1.75
C LEU B 54 13.34 12.81 2.27
N GLY B 55 14.58 13.17 1.96
CA GLY B 55 15.11 14.44 2.42
C GLY B 55 15.55 14.40 3.87
N ASP B 56 15.34 15.51 4.59
CA ASP B 56 15.74 15.59 5.98
C ASP B 56 14.72 14.91 6.89
N VAL B 57 15.00 13.67 7.26
CA VAL B 57 14.06 12.92 8.10
C VAL B 57 13.95 13.41 9.53
N SER B 58 14.82 14.34 9.93
CA SER B 58 14.76 14.87 11.29
C SER B 58 13.58 15.84 11.43
N GLN B 59 13.01 16.24 10.29
CA GLN B 59 11.87 17.16 10.27
C GLN B 59 10.57 16.48 10.72
N GLY B 60 10.59 15.17 10.82
CA GLY B 60 9.43 14.42 11.25
C GLY B 60 8.15 14.64 10.46
N MET B 61 7.05 14.88 11.18
CA MET B 61 5.74 15.08 10.58
C MET B 61 5.71 16.18 9.53
N ALA B 62 6.53 17.20 9.71
CA ALA B 62 6.58 18.33 8.78
C ALA B 62 7.10 17.96 7.40
N ASN B 63 7.90 16.90 7.34
CA ASN B 63 8.47 16.43 6.08
C ASN B 63 7.38 15.67 5.33
N ASP B 64 6.87 16.26 4.25
CA ASP B 64 5.79 15.64 3.49
C ASP B 64 6.18 14.29 2.87
N LYS B 65 7.41 14.16 2.42
CA LYS B 65 7.86 12.90 1.82
C LYS B 65 7.93 11.80 2.87
N LEU B 66 8.37 12.16 4.07
CA LEU B 66 8.46 11.17 5.15
C LEU B 66 7.05 10.78 5.60
N ARG B 67 6.15 11.76 5.62
CA ARG B 67 4.78 11.50 6.03
C ARG B 67 4.10 10.58 5.02
N GLY B 68 4.28 10.87 3.74
CA GLY B 68 3.69 10.03 2.70
C GLY B 68 4.21 8.61 2.75
N HIS B 69 5.51 8.47 2.98
CA HIS B 69 6.14 7.16 3.07
C HIS B 69 5.62 6.40 4.29
N SER B 70 5.56 7.08 5.43
CA SER B 70 5.11 6.47 6.67
C SER B 70 3.67 5.98 6.63
N ILE B 71 2.78 6.78 6.04
CA ILE B 71 1.38 6.38 5.95
C ILE B 71 1.29 5.14 5.05
N THR B 72 2.00 5.17 3.93
CA THR B 72 1.98 4.07 3.00
C THR B 72 2.53 2.80 3.61
N LEU B 73 3.55 2.93 4.45
CA LEU B 73 4.13 1.75 5.10
C LEU B 73 3.07 1.07 5.97
N MET B 74 2.23 1.86 6.61
CA MET B 74 1.19 1.31 7.47
C MET B 74 0.13 0.55 6.67
N TYR B 75 -0.04 0.89 5.39
CA TYR B 75 -1.00 0.18 4.56
C TYR B 75 -0.42 -1.15 4.08
N ALA B 76 0.91 -1.26 4.10
CA ALA B 76 1.56 -2.52 3.72
C ALA B 76 1.26 -3.46 4.89
N LEU B 77 1.33 -2.93 6.10
CA LEU B 77 1.03 -3.70 7.30
C LEU B 77 -0.44 -4.08 7.32
N GLN B 78 -1.30 -3.15 6.92
CA GLN B 78 -2.74 -3.41 6.87
C GLN B 78 -2.99 -4.59 5.92
N ASN B 79 -2.29 -4.55 4.79
CA ASN B 79 -2.38 -5.58 3.76
C ASN B 79 -2.04 -6.93 4.39
N PHE B 80 -0.90 -7.01 5.07
CA PHE B 80 -0.49 -8.26 5.70
C PHE B 80 -1.53 -8.77 6.69
N ILE B 81 -1.99 -7.90 7.57
CA ILE B 81 -2.98 -8.29 8.56
C ILE B 81 -4.24 -8.83 7.91
N ASP B 82 -4.68 -8.19 6.83
CA ASP B 82 -5.89 -8.63 6.15
C ASP B 82 -5.74 -9.98 5.44
N GLN B 83 -4.50 -10.38 5.13
CA GLN B 83 -4.28 -11.66 4.45
C GLN B 83 -3.90 -12.81 5.39
N LEU B 84 -3.91 -12.57 6.69
CA LEU B 84 -3.51 -13.61 7.64
C LEU B 84 -4.17 -14.97 7.52
N ASP B 85 -5.45 -15.01 7.20
CA ASP B 85 -6.14 -16.30 7.10
C ASP B 85 -5.98 -17.06 5.79
N ASN B 86 -5.25 -16.48 4.85
CA ASN B 86 -5.00 -17.14 3.57
C ASN B 86 -3.51 -17.04 3.26
N PRO B 87 -2.72 -18.02 3.71
CA PRO B 87 -1.28 -18.05 3.47
C PRO B 87 -0.87 -17.80 2.02
N ASP B 88 -1.67 -18.30 1.07
CA ASP B 88 -1.34 -18.11 -0.33
C ASP B 88 -1.35 -16.63 -0.69
N ASP B 89 -2.32 -15.90 -0.17
CA ASP B 89 -2.41 -14.47 -0.45
C ASP B 89 -1.35 -13.72 0.34
N LEU B 90 -1.12 -14.12 1.57
CA LEU B 90 -0.10 -13.46 2.40
C LEU B 90 1.25 -13.59 1.71
N VAL B 91 1.58 -14.79 1.24
CA VAL B 91 2.85 -15.00 0.57
C VAL B 91 3.04 -14.13 -0.66
N CYS B 92 2.03 -14.00 -1.52
CA CYS B 92 2.23 -13.20 -2.70
C CYS B 92 2.37 -11.70 -2.43
N VAL B 93 1.78 -11.20 -1.34
CA VAL B 93 1.93 -9.78 -1.04
C VAL B 93 3.27 -9.57 -0.35
N VAL B 94 3.69 -10.54 0.46
CA VAL B 94 4.98 -10.44 1.14
C VAL B 94 6.10 -10.45 0.10
N GLU B 95 6.00 -11.32 -0.90
CA GLU B 95 7.04 -11.37 -1.92
C GLU B 95 7.08 -10.08 -2.72
N LYS B 96 5.93 -9.44 -2.91
CA LYS B 96 5.88 -8.18 -3.63
C LYS B 96 6.69 -7.12 -2.88
N PHE B 97 6.44 -6.99 -1.58
CA PHE B 97 7.16 -6.02 -0.78
C PHE B 97 8.62 -6.40 -0.57
N ALA B 98 8.93 -7.69 -0.64
CA ALA B 98 10.31 -8.13 -0.48
C ALA B 98 11.11 -7.57 -1.66
N VAL B 99 10.52 -7.63 -2.86
CA VAL B 99 11.19 -7.13 -4.05
C VAL B 99 11.54 -5.65 -3.89
N ASN B 100 10.62 -4.88 -3.29
CA ASN B 100 10.84 -3.46 -3.07
C ASN B 100 12.08 -3.23 -2.22
N HIS B 101 12.38 -4.16 -1.33
CA HIS B 101 13.55 -4.02 -0.46
C HIS B 101 14.80 -4.68 -1.02
N ILE B 102 14.61 -5.75 -1.80
CA ILE B 102 15.75 -6.44 -2.40
C ILE B 102 16.41 -5.48 -3.40
N THR B 103 15.61 -4.70 -4.11
CA THR B 103 16.15 -3.75 -5.08
C THR B 103 16.95 -2.64 -4.40
N ARG B 104 16.73 -2.44 -3.11
CA ARG B 104 17.45 -1.42 -2.34
C ARG B 104 18.60 -2.04 -1.55
N LYS B 105 18.86 -3.32 -1.79
CA LYS B 105 19.93 -4.05 -1.13
C LYS B 105 19.73 -4.16 0.38
N ILE B 106 18.49 -4.35 0.81
CA ILE B 106 18.19 -4.50 2.23
C ILE B 106 18.21 -6.00 2.54
N SER B 107 19.12 -6.40 3.41
CA SER B 107 19.25 -7.80 3.79
C SER B 107 18.20 -8.21 4.82
N ALA B 108 18.06 -9.52 5.02
CA ALA B 108 17.12 -10.04 6.00
C ALA B 108 17.48 -9.53 7.39
N ALA B 109 18.77 -9.47 7.69
CA ALA B 109 19.22 -8.99 8.99
C ALA B 109 18.88 -7.52 9.18
N GLU B 110 19.09 -6.72 8.14
CA GLU B 110 18.79 -5.29 8.22
C GLU B 110 17.30 -5.05 8.35
N PHE B 111 16.50 -5.85 7.66
CA PHE B 111 15.05 -5.70 7.73
C PHE B 111 14.60 -5.95 9.17
N GLY B 112 15.27 -6.89 9.85
CA GLY B 112 14.93 -7.21 11.22
C GLY B 112 15.17 -6.08 12.21
N LYS B 113 15.86 -5.03 11.77
CA LYS B 113 16.13 -3.89 12.66
C LYS B 113 14.84 -3.18 13.04
N ILE B 114 13.77 -3.44 12.30
CA ILE B 114 12.49 -2.81 12.57
C ILE B 114 11.83 -3.35 13.84
N ASN B 115 12.28 -4.51 14.32
CA ASN B 115 11.70 -5.09 15.53
C ASN B 115 11.86 -4.22 16.76
N GLY B 116 12.98 -3.52 16.87
CA GLY B 116 13.18 -2.65 18.02
C GLY B 116 12.13 -1.55 18.04
N PRO B 117 11.98 -0.80 16.93
CA PRO B 117 10.99 0.26 16.87
C PRO B 117 9.56 -0.26 17.08
N ILE B 118 9.27 -1.44 16.52
CA ILE B 118 7.94 -2.02 16.70
C ILE B 118 7.67 -2.26 18.17
N LYS B 119 8.64 -2.83 18.88
CA LYS B 119 8.48 -3.09 20.30
C LYS B 119 8.18 -1.81 21.07
N LYS B 120 8.89 -0.73 20.72
CA LYS B 120 8.70 0.54 21.41
C LYS B 120 7.36 1.20 21.11
N VAL B 121 6.92 1.14 19.85
CA VAL B 121 5.64 1.73 19.49
C VAL B 121 4.51 0.96 20.16
N LEU B 122 4.64 -0.36 20.20
CA LEU B 122 3.64 -1.20 20.84
C LEU B 122 3.56 -0.86 22.32
N ALA B 123 4.72 -0.68 22.94
CA ALA B 123 4.79 -0.35 24.35
C ALA B 123 4.14 0.98 24.68
N SER B 124 4.16 1.91 23.72
CA SER B 124 3.55 3.23 23.94
C SER B 124 2.03 3.11 24.09
N LYS B 125 1.48 1.99 23.65
CA LYS B 125 0.05 1.74 23.76
C LYS B 125 -0.21 0.61 24.74
N ASN B 126 0.81 0.28 25.52
CA ASN B 126 0.74 -0.76 26.54
C ASN B 126 0.61 -2.21 26.06
N PHE B 127 1.15 -2.48 24.89
CA PHE B 127 1.15 -3.85 24.36
C PHE B 127 2.54 -4.38 24.67
N GLY B 128 2.60 -5.38 25.54
CA GLY B 128 3.86 -5.95 25.98
C GLY B 128 4.64 -6.91 25.10
N ASP B 129 5.60 -7.59 25.71
CA ASP B 129 6.46 -8.55 25.02
C ASP B 129 5.75 -9.60 24.19
N LYS B 130 4.61 -10.10 24.68
CA LYS B 130 3.87 -11.11 23.95
C LYS B 130 3.51 -10.59 22.56
N TYR B 131 3.07 -9.34 22.51
CA TYR B 131 2.69 -8.71 21.25
C TYR B 131 3.91 -8.42 20.38
N ALA B 132 5.02 -8.02 21.01
CA ALA B 132 6.23 -7.74 20.24
C ALA B 132 6.71 -9.04 19.60
N ASN B 133 6.58 -10.14 20.33
CA ASN B 133 6.98 -11.45 19.82
C ASN B 133 6.10 -11.86 18.63
N ALA B 134 4.81 -11.55 18.72
CA ALA B 134 3.88 -11.88 17.63
C ALA B 134 4.29 -11.12 16.38
N TRP B 135 4.58 -9.83 16.52
CA TRP B 135 5.00 -9.04 15.37
C TRP B 135 6.33 -9.47 14.80
N ALA B 136 7.22 -9.95 15.65
CA ALA B 136 8.51 -10.41 15.18
C ALA B 136 8.31 -11.64 14.28
N LYS B 137 7.28 -12.42 14.58
CA LYS B 137 7.00 -13.61 13.78
C LYS B 137 6.48 -13.18 12.40
N LEU B 138 5.74 -12.08 12.34
CA LEU B 138 5.24 -11.62 11.05
C LEU B 138 6.41 -11.05 10.24
N VAL B 139 7.29 -10.31 10.91
CA VAL B 139 8.46 -9.74 10.25
C VAL B 139 9.31 -10.87 9.69
N ALA B 140 9.34 -11.99 10.41
CA ALA B 140 10.13 -13.14 10.02
C ALA B 140 9.63 -13.75 8.71
N VAL B 141 8.36 -13.53 8.41
CA VAL B 141 7.80 -14.06 7.17
C VAL B 141 8.43 -13.30 6.01
N VAL B 142 8.60 -11.99 6.18
CA VAL B 142 9.23 -11.19 5.13
C VAL B 142 10.71 -11.52 5.06
N GLN B 143 11.33 -11.76 6.21
CA GLN B 143 12.75 -12.10 6.22
C GLN B 143 13.01 -13.40 5.44
N ALA B 144 12.02 -14.29 5.42
CA ALA B 144 12.16 -15.55 4.70
C ALA B 144 12.24 -15.32 3.20
N ALA B 145 11.80 -14.13 2.77
CA ALA B 145 11.83 -13.78 1.35
C ALA B 145 13.03 -12.94 0.97
N LEU B 146 13.85 -12.57 1.95
CA LEU B 146 15.03 -11.74 1.71
C LEU B 146 16.34 -12.51 1.76
CHA HEM C . 3.23 -0.32 -9.97
CHB HEM C . -0.76 1.80 -8.12
CHC HEM C . -2.29 2.71 -12.68
CHD HEM C . 2.03 1.24 -14.39
C1A HEM C . 2.25 0.16 -9.09
C2A HEM C . 2.30 -0.02 -7.65
C3A HEM C . 1.18 0.54 -7.14
C4A HEM C . 0.44 1.10 -8.23
CMA HEM C . 0.79 0.57 -5.67
CAA HEM C . 3.48 -0.63 -6.89
CBA HEM C . 4.60 0.40 -6.75
CGA HEM C . 5.93 -0.25 -6.44
O1A HEM C . 5.97 -1.16 -5.58
O2A HEM C . 6.95 0.14 -7.06
C1B HEM C . -1.51 2.29 -9.22
C2B HEM C . -2.80 2.92 -9.11
C3B HEM C . -3.27 3.12 -10.39
C4B HEM C . -2.23 2.62 -11.28
CMB HEM C . -3.46 3.36 -7.80
CAB HEM C . -4.45 3.75 -10.82
CBB HEM C . -5.74 3.66 -10.21
C1C HEM C . -1.24 2.39 -13.54
C2C HEM C . -1.27 2.51 -14.99
C3C HEM C . -0.05 2.12 -15.47
C4C HEM C . 0.74 1.77 -14.31
CMC HEM C . -2.48 2.98 -15.78
CAC HEM C . 0.39 1.98 -16.81
CBC HEM C . -0.18 2.61 -17.98
C1D HEM C . 2.73 0.66 -13.33
C2D HEM C . 3.94 -0.11 -13.48
C3D HEM C . 4.26 -0.59 -12.25
C4D HEM C . 3.23 -0.12 -11.34
CMD HEM C . 4.72 -0.32 -14.77
CAD HEM C . 5.43 -1.49 -11.90
CBD HEM C . 5.02 -2.95 -11.77
CGD HEM C . 6.16 -3.82 -11.29
O1D HEM C . 7.15 -3.97 -12.03
O2D HEM C . 6.07 -4.35 -10.17
NA HEM C . 1.12 0.87 -9.43
NB HEM C . -1.14 2.14 -10.56
NC HEM C . -0.01 1.90 -13.14
ND HEM C . 2.27 0.62 -12.02
FE HEM C . 0.57 1.39 -11.29
C CMO D . -0.31 -0.24 -11.62
O CMO D . -0.89 -1.26 -11.99
C1 MCH E . -11.98 0.60 -9.17
CL2 MCH E . -12.30 1.80 -7.86
CL1 MCH E . -10.92 -0.73 -8.55
CL3 MCH E . -13.56 -0.10 -9.71
CHA HEM F . 10.49 1.51 1.08
CHB HEM F . 7.54 -1.16 3.74
CHC HEM F . 11.17 -2.04 6.90
CHD HEM F . 14.24 0.23 3.89
C1A HEM F . 9.35 0.91 1.60
C2A HEM F . 8.06 0.93 0.96
C3A HEM F . 7.21 0.21 1.71
C4A HEM F . 8.01 -0.30 2.78
CMA HEM F . 5.71 0.03 1.51
CAA HEM F . 7.77 1.63 -0.36
CBA HEM F . 8.25 0.76 -1.50
CGA HEM F . 8.28 1.50 -2.82
O1A HEM F . 7.28 2.17 -3.14
O2A HEM F . 9.30 1.42 -3.54
C1B HEM F . 8.30 -1.67 4.81
C2B HEM F . 7.71 -2.28 5.94
C3B HEM F . 8.71 -2.56 6.86
C4B HEM F . 9.90 -2.02 6.27
CMB HEM F . 6.18 -2.24 6.08
CAB HEM F . 8.70 -3.26 8.06
CBB HEM F . 8.04 -2.78 9.24
C1C HEM F . 12.33 -1.48 6.37
C2C HEM F . 13.63 -1.49 7.00
C3C HEM F . 14.50 -0.86 6.14
C4C HEM F . 13.71 -0.49 4.98
CMC HEM F . 13.95 -2.12 8.35
CAC HEM F . 15.88 -0.59 6.25
CBC HEM F . 16.78 -1.02 7.28
C1D HEM F . 13.47 0.77 2.86
C2D HEM F . 13.99 1.68 1.88
C3D HEM F . 12.95 2.08 1.12
C4D HEM F . 11.77 1.40 1.62
CMD HEM F . 15.44 2.15 1.75
CAD HEM F . 12.99 3.08 -0.02
CBD HEM F . 12.51 4.46 0.42
CGD HEM F . 12.39 5.42 -0.74
O1D HEM F . 13.43 5.84 -1.29
O2D HEM F . 11.24 5.75 -1.11
NA HEM F . 9.31 0.12 2.71
NB HEM F . 9.63 -1.44 5.04
NC HEM F . 12.39 -0.84 5.13
ND HEM F . 12.10 0.62 2.72
FE HEM F . 10.84 -0.39 3.93
C CMO G . 10.60 1.11 4.98
O CMO G . 10.57 2.08 5.71
C1 MCH H . 3.27 -2.31 14.84
CL2 MCH H . 1.54 -2.65 15.21
CL1 MCH H . 3.39 -1.30 13.34
CL3 MCH H . 3.99 -1.38 16.19
C1 MCH I . 5.73 -6.67 8.19
CL2 MCH I . 5.67 -4.92 7.69
CL1 MCH I . 7.11 -7.46 7.37
CL3 MCH I . 6.05 -6.80 9.95
#